data_4JHH
#
_entry.id   4JHH
#
_cell.length_a   96.415
_cell.length_b   96.415
_cell.length_c   113.407
_cell.angle_alpha   90.000
_cell.angle_beta   90.000
_cell.angle_gamma   120.000
#
_symmetry.space_group_name_H-M   'P 62 2 2'
#
loop_
_entity.id
_entity.type
_entity.pdbx_description
1 polymer 'MtN13 protein'
2 non-polymer N-(FURAN-2-YLMETHYL)-7H-PURIN-6-AMINE
3 non-polymer 'MALONATE ION'
4 non-polymer 'SODIUM ION'
5 water water
#
_entity_poly.entity_id   1
_entity_poly.type   'polypeptide(L)'
_entity_poly.pdbx_seq_one_letter_code
;IDPFTMGVITSESEYVSSLSAEKLYRGIVEDGNIIYPKALPRFIEKAETLEGDGGPGTIKKLTFVGDFGSTKQHIDMVDR
ENCAYTYSVYEGIALSDQPLEKIVFEFKLVPTPEEGCIVKSTTKYYTKGDDIELSKDYLEAGIERFEGFTKAVESFLLAN
PDYNKDSN
;
_entity_poly.pdbx_strand_id   A
#
# COMPACT_ATOMS: atom_id res chain seq x y z
N ILE A 1 22.88 -28.65 -8.26
CA ILE A 1 24.04 -28.66 -7.29
C ILE A 1 23.83 -27.51 -6.29
N ASP A 2 23.79 -26.27 -6.80
CA ASP A 2 23.80 -25.04 -5.98
C ASP A 2 22.85 -23.91 -6.47
N PRO A 3 21.55 -24.11 -6.32
CA PRO A 3 20.63 -23.28 -7.08
C PRO A 3 20.41 -21.89 -6.51
N PHE A 4 19.94 -20.99 -7.36
CA PHE A 4 19.39 -19.72 -6.92
C PHE A 4 17.91 -19.90 -6.69
N THR A 5 17.48 -19.59 -5.48
CA THR A 5 16.09 -19.81 -5.11
C THR A 5 15.41 -18.56 -4.61
N MET A 6 14.18 -18.35 -5.05
CA MET A 6 13.47 -17.21 -4.58
C MET A 6 12.01 -17.47 -4.58
N GLY A 7 11.35 -17.02 -3.52
CA GLY A 7 9.92 -17.17 -3.40
C GLY A 7 9.22 -15.83 -3.55
N VAL A 8 8.08 -15.87 -4.23
CA VAL A 8 7.23 -14.71 -4.36
C VAL A 8 5.89 -15.13 -3.79
N ILE A 9 5.49 -14.55 -2.67
CA ILE A 9 4.22 -14.92 -2.04
C ILE A 9 3.27 -13.78 -2.26
N THR A 10 2.14 -14.09 -2.89
CA THR A 10 1.15 -13.11 -3.28
C THR A 10 -0.11 -13.25 -2.49
N SER A 11 -0.53 -12.20 -1.78
CA SER A 11 -1.87 -12.19 -1.13
C SER A 11 -2.82 -11.20 -1.81
N GLU A 12 -4.06 -11.62 -2.03
CA GLU A 12 -5.06 -10.81 -2.79
C GLU A 12 -6.28 -10.63 -1.92
N SER A 13 -6.77 -9.40 -1.79
CA SER A 13 -8.01 -9.14 -1.04
C SER A 13 -8.89 -8.15 -1.81
N GLU A 14 -10.21 -8.26 -1.69
CA GLU A 14 -11.07 -7.33 -2.40
C GLU A 14 -12.18 -6.89 -1.52
N TYR A 15 -12.66 -5.68 -1.77
CA TYR A 15 -13.92 -5.26 -1.19
C TYR A 15 -14.54 -4.15 -2.04
N VAL A 16 -15.84 -3.99 -1.91
CA VAL A 16 -16.60 -2.96 -2.62
C VAL A 16 -16.67 -1.64 -1.79
N SER A 17 -16.20 -0.56 -2.41
CA SER A 17 -16.26 0.78 -1.84
C SER A 17 -17.46 1.50 -2.35
N SER A 18 -18.01 2.39 -1.52
CA SER A 18 -19.14 3.23 -1.96
C SER A 18 -18.63 4.44 -2.74
N LEU A 19 -17.38 4.79 -2.47
CA LEU A 19 -16.72 5.92 -3.12
C LEU A 19 -16.26 5.52 -4.53
N SER A 20 -16.31 6.46 -5.45
CA SER A 20 -15.95 6.20 -6.82
C SER A 20 -14.45 5.97 -6.93
N ALA A 21 -14.08 5.17 -7.93
CA ALA A 21 -12.69 4.80 -8.16
C ALA A 21 -11.80 6.05 -8.31
N GLU A 22 -12.24 7.00 -9.11
CA GLU A 22 -11.50 8.24 -9.37
C GLU A 22 -11.19 9.00 -8.09
N LYS A 23 -12.16 9.08 -7.19
CA LYS A 23 -12.02 9.88 -6.00
C LYS A 23 -11.15 9.18 -4.99
N LEU A 24 -11.28 7.86 -4.92
CA LEU A 24 -10.48 7.15 -3.94
C LEU A 24 -9.01 7.17 -4.42
N TYR A 25 -8.82 6.95 -5.70
CA TYR A 25 -7.48 7.01 -6.27
C TYR A 25 -6.81 8.37 -6.04
N ARG A 26 -7.49 9.44 -6.42
CA ARG A 26 -6.93 10.80 -6.27
C ARG A 26 -6.61 11.08 -4.78
N GLY A 27 -7.44 10.56 -3.90
CA GLY A 27 -7.23 10.70 -2.47
C GLY A 27 -5.95 10.10 -1.99
N ILE A 28 -5.70 8.86 -2.37
CA ILE A 28 -4.53 8.15 -1.89
C ILE A 28 -3.25 8.58 -2.59
N VAL A 29 -3.32 8.70 -3.91
CA VAL A 29 -2.15 8.84 -4.74
C VAL A 29 -1.77 10.29 -4.92
N GLU A 30 -2.75 11.17 -5.13
CA GLU A 30 -2.42 12.52 -5.53
C GLU A 30 -2.40 13.47 -4.35
N ASP A 31 -3.21 13.14 -3.34
CA ASP A 31 -3.44 14.00 -2.21
C ASP A 31 -3.02 13.28 -0.93
N GLY A 32 -2.29 12.18 -1.11
CA GLY A 32 -1.87 11.36 0.04
C GLY A 32 -1.16 12.17 1.11
N ASN A 33 -0.25 13.02 0.66
CA ASN A 33 0.62 13.79 1.53
C ASN A 33 -0.17 14.60 2.54
N ILE A 34 -1.43 14.87 2.24
CA ILE A 34 -2.20 15.63 3.20
C ILE A 34 -3.37 14.80 3.78
N ILE A 35 -3.79 13.76 3.09
CA ILE A 35 -4.96 13.01 3.52
C ILE A 35 -4.64 11.75 4.37
N TYR A 36 -3.48 11.15 4.21
CA TYR A 36 -3.11 10.00 5.04
C TYR A 36 -3.15 10.41 6.52
N PRO A 37 -2.55 11.54 6.88
CA PRO A 37 -2.61 11.90 8.32
C PRO A 37 -4.02 12.24 8.76
N LYS A 38 -4.84 12.72 7.84
CA LYS A 38 -6.21 13.08 8.18
C LYS A 38 -7.05 11.82 8.40
N ALA A 39 -6.74 10.79 7.64
CA ALA A 39 -7.57 9.60 7.61
C ALA A 39 -7.14 8.70 8.73
N LEU A 40 -5.85 8.71 8.98
CA LEU A 40 -5.26 7.86 10.01
C LEU A 40 -4.53 8.69 11.08
N PRO A 41 -5.28 9.51 11.80
CA PRO A 41 -4.63 10.48 12.67
C PRO A 41 -3.85 9.83 13.79
N ARG A 42 -4.17 8.59 14.14
CA ARG A 42 -3.54 7.93 15.29
C ARG A 42 -2.42 7.01 14.87
N PHE A 43 -2.18 6.94 13.57
CA PHE A 43 -1.10 6.12 13.03
C PHE A 43 -0.12 6.83 12.10
N ILE A 44 -0.63 7.59 11.14
CA ILE A 44 0.25 8.27 10.20
C ILE A 44 0.47 9.72 10.62
N GLU A 45 1.68 10.05 11.02
CA GLU A 45 1.96 11.40 11.47
C GLU A 45 2.15 12.30 10.28
N LYS A 46 2.80 11.77 9.27
CA LYS A 46 3.24 12.64 8.17
C LYS A 46 3.55 11.80 6.95
N ALA A 47 3.21 12.32 5.78
CA ALA A 47 3.38 11.60 4.52
C ALA A 47 3.96 12.65 3.55
N GLU A 48 5.16 12.41 3.05
CA GLU A 48 5.84 13.42 2.27
C GLU A 48 6.60 12.79 1.14
N THR A 49 6.94 13.62 0.18
CA THR A 49 7.70 13.19 -0.97
C THR A 49 9.16 13.59 -0.82
N LEU A 50 10.05 12.64 -0.97
CA LEU A 50 11.48 12.92 -0.78
C LEU A 50 12.16 13.17 -2.11
N GLU A 51 11.76 12.39 -3.12
CA GLU A 51 12.26 12.56 -4.49
C GLU A 51 11.15 12.34 -5.49
N GLY A 52 11.14 13.16 -6.55
CA GLY A 52 10.25 12.94 -7.66
C GLY A 52 9.00 13.83 -7.66
N ASP A 53 8.19 13.68 -8.70
CA ASP A 53 7.04 14.56 -8.97
C ASP A 53 5.73 13.83 -8.71
N GLY A 54 5.83 12.60 -8.23
CA GLY A 54 4.64 11.79 -8.01
C GLY A 54 4.56 10.63 -8.97
N GLY A 55 5.27 10.69 -10.09
CA GLY A 55 5.25 9.60 -11.02
C GLY A 55 6.11 8.40 -10.58
N PRO A 56 6.19 7.37 -11.44
CA PRO A 56 7.10 6.25 -11.24
C PRO A 56 8.52 6.73 -10.89
N GLY A 57 9.11 6.13 -9.86
CA GLY A 57 10.44 6.51 -9.42
C GLY A 57 10.42 7.46 -8.25
N THR A 58 9.24 7.99 -7.92
CA THR A 58 9.06 8.85 -6.75
C THR A 58 9.34 8.07 -5.47
N ILE A 59 9.90 8.77 -4.49
CA ILE A 59 10.11 8.13 -3.20
C ILE A 59 9.32 8.98 -2.22
N LYS A 60 8.40 8.35 -1.49
CA LYS A 60 7.65 9.01 -0.45
C LYS A 60 8.04 8.38 0.87
N LYS A 61 7.72 9.05 1.95
CA LYS A 61 8.06 8.56 3.27
C LYS A 61 6.91 8.82 4.23
N LEU A 62 6.50 7.78 4.92
CA LEU A 62 5.55 7.87 5.98
C LEU A 62 6.29 7.81 7.31
N THR A 63 6.06 8.81 8.14
CA THR A 63 6.40 8.79 9.52
C THR A 63 5.17 8.43 10.36
N PHE A 64 5.31 7.46 11.27
CA PHE A 64 4.19 6.97 12.08
C PHE A 64 4.15 7.62 13.43
N VAL A 65 2.94 7.70 13.99
CA VAL A 65 2.72 8.25 15.30
C VAL A 65 3.26 7.30 16.36
N GLY A 66 4.03 7.84 17.30
CA GLY A 66 4.61 7.01 18.34
C GLY A 66 5.93 6.36 17.93
N ASP A 67 6.34 5.34 18.67
CA ASP A 67 7.62 4.70 18.50
C ASP A 67 7.61 3.63 17.43
N PHE A 68 7.00 3.91 16.27
CA PHE A 68 6.85 2.93 15.20
C PHE A 68 7.64 3.33 13.98
N GLY A 69 8.46 4.35 14.13
CA GLY A 69 9.47 4.60 13.14
C GLY A 69 8.86 5.24 11.92
N SER A 70 9.35 4.82 10.77
CA SER A 70 8.99 5.49 9.54
C SER A 70 9.41 4.60 8.38
N THR A 71 8.87 4.84 7.19
CA THR A 71 9.19 3.94 6.13
C THR A 71 9.04 4.60 4.75
N LYS A 72 9.88 4.22 3.81
CA LYS A 72 9.83 4.81 2.48
C LYS A 72 9.10 3.90 1.52
N GLN A 73 8.22 4.53 0.72
CA GLN A 73 7.55 3.93 -0.43
C GLN A 73 8.26 4.33 -1.72
N HIS A 74 8.63 3.33 -2.51
CA HIS A 74 9.24 3.58 -3.81
C HIS A 74 8.22 3.29 -4.89
N ILE A 75 7.79 4.32 -5.57
CA ILE A 75 6.61 4.23 -6.42
C ILE A 75 7.00 3.62 -7.76
N ASP A 76 6.27 2.60 -8.19
CA ASP A 76 6.65 1.84 -9.36
C ASP A 76 5.73 2.14 -10.54
N MET A 77 4.44 2.15 -10.35
CA MET A 77 3.52 2.38 -11.45
C MET A 77 2.42 3.22 -11.00
N VAL A 78 2.05 4.13 -11.86
CA VAL A 78 1.02 5.09 -11.54
C VAL A 78 0.18 5.20 -12.80
N ASP A 79 -1.08 4.79 -12.71
CA ASP A 79 -1.98 4.78 -13.84
C ASP A 79 -3.35 5.36 -13.48
N ARG A 80 -3.45 6.67 -13.65
CA ARG A 80 -4.64 7.40 -13.28
C ARG A 80 -5.82 6.87 -14.11
N GLU A 81 -5.59 6.56 -15.38
CA GLU A 81 -6.72 6.23 -16.22
C GLU A 81 -7.35 4.97 -15.73
N ASN A 82 -6.55 3.97 -15.34
CA ASN A 82 -7.10 2.72 -14.81
C ASN A 82 -7.17 2.65 -13.28
N CYS A 83 -6.94 3.77 -12.59
CA CYS A 83 -6.88 3.83 -11.11
C CYS A 83 -6.07 2.69 -10.49
N ALA A 84 -4.82 2.61 -10.93
CA ALA A 84 -3.94 1.54 -10.55
C ALA A 84 -2.64 2.16 -10.03
N TYR A 85 -2.08 1.53 -9.00
CA TYR A 85 -0.94 2.11 -8.28
C TYR A 85 -0.15 0.98 -7.64
N THR A 86 1.17 1.08 -7.78
CA THR A 86 2.09 0.06 -7.28
C THR A 86 3.30 0.72 -6.66
N TYR A 87 3.74 0.21 -5.52
CA TYR A 87 4.94 0.76 -4.89
C TYR A 87 5.65 -0.34 -4.11
N SER A 88 6.92 -0.14 -3.79
CA SER A 88 7.70 -1.16 -3.07
C SER A 88 8.25 -0.59 -1.78
N VAL A 89 8.40 -1.47 -0.79
CA VAL A 89 9.10 -1.15 0.42
C VAL A 89 10.28 -2.10 0.48
N TYR A 90 11.45 -1.56 0.83
CA TYR A 90 12.70 -2.31 0.79
C TYR A 90 13.42 -2.51 2.12
N GLU A 91 13.02 -1.78 3.16
CA GLU A 91 13.80 -1.70 4.40
C GLU A 91 12.91 -1.95 5.59
N GLY A 92 13.45 -2.58 6.62
CA GLY A 92 12.70 -2.85 7.83
C GLY A 92 11.63 -3.92 7.64
N ILE A 93 11.85 -4.81 6.67
CA ILE A 93 10.79 -5.74 6.29
C ILE A 93 11.04 -7.24 6.69
N ALA A 94 12.22 -7.57 7.22
CA ALA A 94 12.52 -8.93 7.66
C ALA A 94 11.52 -9.41 8.69
N LEU A 95 11.27 -10.70 8.71
CA LEU A 95 10.74 -11.34 9.91
C LEU A 95 11.88 -11.84 10.75
N SER A 96 11.64 -12.01 12.04
CA SER A 96 12.69 -12.58 12.90
C SER A 96 13.23 -13.84 12.20
N ASP A 97 12.33 -14.53 11.49
CA ASP A 97 12.67 -15.79 10.82
C ASP A 97 13.22 -15.71 9.37
N GLN A 98 12.61 -14.83 8.60
CA GLN A 98 12.66 -14.86 7.14
C GLN A 98 13.02 -13.45 6.66
N PRO A 99 14.26 -13.25 6.18
CA PRO A 99 14.58 -11.99 5.48
C PRO A 99 13.73 -11.85 4.22
N LEU A 100 13.35 -10.65 3.86
CA LEU A 100 12.66 -10.42 2.58
C LEU A 100 13.49 -9.46 1.75
N GLU A 101 13.44 -9.59 0.42
CA GLU A 101 14.17 -8.66 -0.45
C GLU A 101 13.34 -7.39 -0.67
N LYS A 102 12.03 -7.56 -0.80
CA LYS A 102 11.09 -6.43 -0.88
C LYS A 102 9.70 -6.91 -0.67
N ILE A 103 8.84 -5.94 -0.38
CA ILE A 103 7.40 -6.11 -0.38
C ILE A 103 6.86 -5.14 -1.44
N VAL A 104 6.04 -5.68 -2.33
CA VAL A 104 5.35 -4.88 -3.37
C VAL A 104 3.85 -4.79 -2.99
N PHE A 105 3.34 -3.57 -3.01
CA PHE A 105 1.94 -3.28 -2.77
C PHE A 105 1.32 -2.75 -4.03
N GLU A 106 0.18 -3.31 -4.39
CA GLU A 106 -0.50 -2.91 -5.61
C GLU A 106 -2.01 -2.82 -5.40
N PHE A 107 -2.60 -1.69 -5.80
CA PHE A 107 -4.06 -1.71 -5.94
C PHE A 107 -4.59 -1.28 -7.32
N LYS A 108 -5.79 -1.79 -7.62
CA LYS A 108 -6.56 -1.48 -8.83
C LYS A 108 -8.01 -1.29 -8.45
N LEU A 109 -8.53 -0.12 -8.79
CA LEU A 109 -9.89 0.25 -8.45
C LEU A 109 -10.70 0.19 -9.73
N VAL A 110 -11.73 -0.65 -9.71
CA VAL A 110 -12.55 -0.98 -10.86
C VAL A 110 -13.98 -0.50 -10.65
N PRO A 111 -14.47 0.48 -11.45
CA PRO A 111 -15.82 1.01 -11.19
C PRO A 111 -16.89 -0.06 -11.31
N THR A 112 -17.88 -0.02 -10.44
CA THR A 112 -19.01 -0.90 -10.50
C THR A 112 -20.16 -0.01 -10.79
N PRO A 113 -21.08 -0.40 -11.63
CA PRO A 113 -22.19 0.50 -11.92
C PRO A 113 -22.91 0.80 -10.63
N GLU A 114 -23.26 2.06 -10.42
CA GLU A 114 -23.64 2.65 -9.13
C GLU A 114 -22.54 3.53 -8.55
N GLU A 115 -21.33 3.32 -9.04
CA GLU A 115 -20.10 3.71 -8.34
C GLU A 115 -20.30 2.82 -7.11
N GLY A 116 -19.39 2.77 -6.16
CA GLY A 116 -18.02 3.17 -6.38
C GLY A 116 -17.31 2.17 -7.21
N CYS A 117 -16.69 1.20 -6.56
CA CYS A 117 -15.68 0.46 -7.22
C CYS A 117 -15.37 -0.74 -6.38
N ILE A 118 -14.76 -1.73 -7.01
CA ILE A 118 -14.20 -2.87 -6.35
C ILE A 118 -12.77 -2.51 -6.13
N VAL A 119 -12.31 -2.59 -4.89
CA VAL A 119 -10.91 -2.30 -4.58
C VAL A 119 -10.14 -3.64 -4.57
N LYS A 120 -9.29 -3.83 -5.57
CA LYS A 120 -8.51 -5.02 -5.68
C LYS A 120 -7.13 -4.72 -5.10
N SER A 121 -6.82 -5.33 -3.94
CA SER A 121 -5.54 -5.11 -3.27
C SER A 121 -4.66 -6.34 -3.38
N THR A 122 -3.37 -6.14 -3.61
CA THR A 122 -2.38 -7.24 -3.71
C THR A 122 -1.15 -6.84 -2.94
N THR A 123 -0.56 -7.79 -2.21
CA THR A 123 0.78 -7.62 -1.65
C THR A 123 1.64 -8.78 -2.14
N LYS A 124 2.93 -8.55 -2.35
CA LYS A 124 3.80 -9.62 -2.80
C LYS A 124 5.02 -9.50 -1.99
N TYR A 125 5.40 -10.61 -1.34
CA TYR A 125 6.61 -10.68 -0.54
C TYR A 125 7.64 -11.47 -1.32
N TYR A 126 8.83 -10.90 -1.44
CA TYR A 126 9.92 -11.54 -2.15
C TYR A 126 10.96 -11.96 -1.13
N THR A 127 11.27 -13.22 -1.11
CA THR A 127 12.15 -13.78 -0.12
C THR A 127 13.53 -14.00 -0.62
N LYS A 128 14.50 -13.71 0.20
CA LYS A 128 15.84 -14.07 -0.15
C LYS A 128 16.13 -15.35 0.60
N GLY A 129 16.71 -16.32 -0.08
CA GLY A 129 17.43 -17.30 0.67
C GLY A 129 17.14 -18.66 0.16
N ASP A 130 17.83 -19.63 0.76
CA ASP A 130 17.77 -21.02 0.33
C ASP A 130 16.48 -21.69 0.82
N ASP A 131 15.78 -20.98 1.71
CA ASP A 131 14.86 -21.55 2.69
C ASP A 131 13.62 -20.62 2.75
N ILE A 132 12.46 -21.12 3.22
CA ILE A 132 11.25 -20.27 3.25
C ILE A 132 10.30 -20.63 4.38
N GLU A 133 9.90 -19.63 5.15
CA GLU A 133 9.03 -19.88 6.31
C GLU A 133 8.24 -18.64 6.66
N LEU A 134 6.96 -18.60 6.31
CA LEU A 134 6.13 -17.41 6.44
C LEU A 134 4.79 -17.80 7.02
N SER A 135 4.35 -17.18 8.11
CA SER A 135 3.17 -17.65 8.83
C SER A 135 1.94 -16.89 8.39
N LYS A 136 0.77 -17.46 8.67
CA LYS A 136 -0.50 -16.88 8.23
C LYS A 136 -0.73 -15.50 8.80
N ASP A 137 -0.37 -15.32 10.06
CA ASP A 137 -0.59 -14.07 10.70
C ASP A 137 0.28 -12.99 10.09
N TYR A 138 1.50 -13.31 9.73
CA TYR A 138 2.29 -12.26 9.11
C TYR A 138 1.69 -11.89 7.75
N LEU A 139 1.49 -12.88 6.86
CA LEU A 139 0.98 -12.58 5.51
C LEU A 139 -0.25 -11.74 5.64
N GLU A 140 -1.15 -12.16 6.49
CA GLU A 140 -2.39 -11.42 6.58
C GLU A 140 -2.16 -10.01 7.11
N ALA A 141 -1.15 -9.83 7.95
CA ALA A 141 -0.95 -8.54 8.56
C ALA A 141 -0.67 -7.49 7.49
N GLY A 142 0.14 -7.87 6.48
CA GLY A 142 0.58 -6.94 5.47
C GLY A 142 -0.60 -6.48 4.62
N ILE A 143 -1.34 -7.43 4.05
CA ILE A 143 -2.50 -7.10 3.24
C ILE A 143 -3.62 -6.40 4.06
N GLU A 144 -3.79 -6.75 5.32
CA GLU A 144 -4.84 -6.11 6.10
C GLU A 144 -4.49 -4.63 6.38
N ARG A 145 -3.24 -4.37 6.73
CA ARG A 145 -2.75 -3.00 6.89
CA ARG A 145 -2.83 -3.00 6.90
C ARG A 145 -2.98 -2.22 5.59
N PHE A 146 -2.67 -2.83 4.48
CA PHE A 146 -2.78 -2.15 3.22
C PHE A 146 -4.22 -1.81 2.89
N GLU A 147 -5.08 -2.81 2.90
CA GLU A 147 -6.49 -2.59 2.57
C GLU A 147 -7.04 -1.61 3.62
N GLY A 148 -6.51 -1.69 4.84
CA GLY A 148 -6.87 -0.79 5.92
C GLY A 148 -6.56 0.68 5.65
N PHE A 149 -5.40 0.97 5.07
CA PHE A 149 -5.08 2.35 4.71
C PHE A 149 -6.14 2.83 3.69
N THR A 150 -6.46 1.97 2.75
CA THR A 150 -7.41 2.37 1.72
C THR A 150 -8.81 2.58 2.30
N LYS A 151 -9.24 1.69 3.19
CA LYS A 151 -10.54 1.88 3.81
C LYS A 151 -10.60 3.18 4.61
N ALA A 152 -9.51 3.52 5.29
CA ALA A 152 -9.50 4.71 6.13
C ALA A 152 -9.57 5.95 5.25
N VAL A 153 -8.96 5.88 4.08
CA VAL A 153 -9.02 7.01 3.19
C VAL A 153 -10.46 7.15 2.64
N GLU A 154 -11.05 6.04 2.23
CA GLU A 154 -12.39 6.05 1.67
C GLU A 154 -13.36 6.68 2.68
N SER A 155 -13.31 6.13 3.89
CA SER A 155 -14.16 6.61 4.94
C SER A 155 -13.97 8.15 5.17
N PHE A 156 -12.72 8.61 5.16
CA PHE A 156 -12.46 10.03 5.36
C PHE A 156 -13.13 10.86 4.25
N LEU A 157 -13.01 10.40 3.01
CA LEU A 157 -13.54 11.19 1.89
C LEU A 157 -15.04 11.16 1.87
N LEU A 158 -15.64 10.04 2.24
CA LEU A 158 -17.10 10.00 2.32
C LEU A 158 -17.56 11.06 3.31
N ALA A 159 -16.84 11.21 4.41
CA ALA A 159 -17.30 12.14 5.47
C ALA A 159 -16.87 13.59 5.20
N ASN A 160 -15.99 13.79 4.22
CA ASN A 160 -15.55 15.14 3.87
C ASN A 160 -15.41 15.31 2.38
N PRO A 161 -16.53 15.20 1.66
CA PRO A 161 -16.58 15.40 0.21
C PRO A 161 -15.81 16.66 -0.20
N ASP A 162 -16.01 17.68 0.60
CA ASP A 162 -15.25 18.90 0.51
C ASP A 162 -13.77 18.65 0.68
N TYR A 163 -12.93 19.44 0.03
CA TYR A 163 -11.48 19.26 0.24
C TYR A 163 -10.62 19.79 -0.90
#